data_7BXH
#
_entry.id   7BXH
#
_cell.length_a   58.651
_cell.length_b   62.817
_cell.length_c   138.391
_cell.angle_alpha   90.000
_cell.angle_beta   90.000
_cell.angle_gamma   90.000
#
_symmetry.space_group_name_H-M   'P 21 21 21'
#
loop_
_entity.id
_entity.type
_entity.pdbx_description
1 polymer Lpg2149
2 polymer MavC
3 water water
#
loop_
_entity_poly.entity_id
_entity_poly.type
_entity_poly.pdbx_seq_one_letter_code
_entity_poly.pdbx_strand_id
1 'polypeptide(L)'
;SGTFFKDYQKKNVMRLLQDSLEKIINEWLKTDDESHTKLKSLQELSEMDINATSFAEHSPLPDFVTRLWLDPHKALDAMD
KNISKNEIRKLIKETAREIELVFTH
;
A
2 'polypeptide(L)'
;SMTTSKLEKTGLHVHEKIKHMVKNYGTMITGIPAEILGQNEAEISVGYVKKMGNMKENIAEVVRKSEMTQPTNSCGKASN
EVCDLLLGTEGASEFEKSSYQVLSGDGSNLKGSLPNKNLLVRVEMDRFNAPQKYQKIKREEFNPETAEKNKIYLLEDQLV
YLDIFGKVIDLGQTSDTCHRLFNAITTPFYQNYILYDEYIDPEESAEEAAMFEMGEIVKAKMKNIDCWTATHSFTIFVPE
SDSEDTRTLYPYQAYWTSHTLQQWFSGDKDEKLSRLGIDGYIEKLALLGTTTDSKIRSSIYGELFSPPGKEHVFCTGMNE
KFSPLRVKFKVTEVNPEIALQNLEEVQEFIDTNYPGENAKDQCELYKIKAQEAMTKQLEMRLLIEP
;
B
#
# COMPACT_ATOMS: atom_id res chain seq x y z
N PHE A 4 -24.69 3.06 8.94
CA PHE A 4 -23.49 2.54 8.29
C PHE A 4 -22.66 3.62 7.60
N PHE A 5 -23.33 4.43 6.78
CA PHE A 5 -22.60 5.35 5.91
C PHE A 5 -21.77 6.35 6.73
N LYS A 6 -22.34 6.86 7.83
CA LYS A 6 -21.62 7.85 8.61
C LYS A 6 -20.36 7.25 9.23
N ASP A 7 -20.41 5.99 9.64
CA ASP A 7 -19.20 5.30 10.09
C ASP A 7 -18.22 5.11 8.94
N TYR A 8 -18.73 4.66 7.79
CA TYR A 8 -17.89 4.45 6.62
C TYR A 8 -17.26 5.76 6.15
N GLN A 9 -18.07 6.81 6.03
CA GLN A 9 -17.54 8.11 5.64
C GLN A 9 -16.50 8.60 6.63
N LYS A 10 -16.79 8.49 7.92
CA LYS A 10 -15.88 9.01 8.93
C LYS A 10 -14.55 8.28 8.92
N LYS A 11 -14.58 6.94 8.85
CA LYS A 11 -13.35 6.17 8.78
C LYS A 11 -12.47 6.62 7.61
N ASN A 12 -13.11 6.88 6.46
CA ASN A 12 -12.35 7.24 5.26
C ASN A 12 -11.80 8.66 5.35
N VAL A 13 -12.50 9.56 6.04
CA VAL A 13 -12.00 10.92 6.19
C VAL A 13 -10.80 10.93 7.13
N MET A 14 -10.89 10.16 8.23
CA MET A 14 -9.76 10.05 9.15
C MET A 14 -8.51 9.57 8.44
N ARG A 15 -8.64 8.53 7.61
CA ARG A 15 -7.48 7.99 6.90
C ARG A 15 -6.93 9.00 5.91
N LEU A 16 -7.77 9.88 5.38
CA LEU A 16 -7.27 10.93 4.51
C LEU A 16 -6.49 11.97 5.31
N LEU A 17 -7.00 12.35 6.50
CA LEU A 17 -6.23 13.22 7.38
C LEU A 17 -4.95 12.53 7.84
N GLN A 18 -5.02 11.23 8.12
CA GLN A 18 -3.81 10.50 8.45
C GLN A 18 -2.86 10.43 7.28
N ASP A 19 -3.40 10.33 6.05
CA ASP A 19 -2.55 10.38 4.87
C ASP A 19 -1.86 11.73 4.75
N SER A 20 -2.60 12.81 5.00
CA SER A 20 -2.02 14.15 4.91
C SER A 20 -0.92 14.34 5.95
N LEU A 21 -1.17 13.90 7.19
CA LEU A 21 -0.16 14.08 8.24
C LEU A 21 1.09 13.26 7.96
N GLU A 22 0.92 12.05 7.42
CA GLU A 22 2.07 11.23 7.10
C GLU A 22 2.95 11.89 6.04
N LYS A 23 2.33 12.40 4.96
CA LYS A 23 3.11 13.00 3.88
C LYS A 23 3.85 14.24 4.35
N ILE A 24 3.15 15.12 5.06
CA ILE A 24 3.74 16.39 5.47
C ILE A 24 4.88 16.17 6.45
N ILE A 25 4.71 15.24 7.39
CA ILE A 25 5.73 15.01 8.41
C ILE A 25 6.92 14.28 7.80
N ASN A 26 6.67 13.33 6.90
CA ASN A 26 7.77 12.58 6.29
C ASN A 26 8.65 13.47 5.43
N GLU A 27 8.06 14.47 4.77
CA GLU A 27 8.86 15.40 3.96
C GLU A 27 9.58 16.42 4.83
N TRP A 28 8.93 16.89 5.89
CA TRP A 28 9.59 17.78 6.84
C TRP A 28 10.72 17.06 7.58
N LEU A 29 10.57 15.74 7.78
CA LEU A 29 11.58 14.97 8.50
C LEU A 29 12.74 14.57 7.62
N LYS A 30 12.57 14.58 6.30
CA LYS A 30 13.64 14.23 5.38
C LYS A 30 14.80 15.23 5.42
N THR A 31 14.59 16.40 6.02
CA THR A 31 15.60 17.46 6.09
C THR A 31 16.03 17.74 7.52
N ASP A 32 16.23 16.69 8.31
CA ASP A 32 16.65 16.84 9.69
C ASP A 32 18.16 17.01 9.78
N ASP A 33 18.62 17.61 10.89
CA ASP A 33 20.04 17.84 11.10
C ASP A 33 20.67 16.64 11.81
N GLU A 34 22.01 16.65 11.86
CA GLU A 34 22.74 15.54 12.48
C GLU A 34 22.55 15.48 13.99
N SER A 35 22.02 16.52 14.61
CA SER A 35 21.61 16.43 16.01
C SER A 35 20.24 15.79 16.18
N HIS A 36 19.58 15.44 15.07
CA HIS A 36 18.26 14.79 15.08
C HIS A 36 17.21 15.65 15.79
N THR A 37 17.26 16.97 15.57
CA THR A 37 16.39 17.89 16.30
C THR A 37 14.91 17.65 16.01
N LYS A 38 14.57 17.39 14.75
CA LYS A 38 13.17 17.20 14.38
C LYS A 38 12.63 15.88 14.93
N LEU A 39 13.47 14.85 14.97
CA LEU A 39 13.04 13.55 15.49
C LEU A 39 12.75 13.62 16.98
N LYS A 40 13.58 14.34 17.74
CA LYS A 40 13.32 14.51 19.18
C LYS A 40 12.01 15.27 19.41
N SER A 41 11.73 16.28 18.58
CA SER A 41 10.49 17.04 18.72
C SER A 41 9.28 16.18 18.36
N LEU A 42 9.39 15.42 17.27
CA LEU A 42 8.32 14.49 16.90
C LEU A 42 8.05 13.50 18.03
N GLN A 43 9.10 13.01 18.67
CA GLN A 43 8.95 12.17 19.87
C GLN A 43 8.14 12.89 20.94
N GLU A 44 8.35 14.20 21.08
CA GLU A 44 7.66 14.95 22.12
C GLU A 44 6.16 15.03 21.85
N LEU A 45 5.77 15.16 20.58
CA LEU A 45 4.35 15.21 20.26
C LEU A 45 3.66 13.90 20.60
N SER A 46 4.29 12.77 20.29
CA SER A 46 3.68 11.48 20.51
C SER A 46 3.25 11.27 21.96
N GLU A 47 3.85 11.99 22.89
CA GLU A 47 3.55 11.85 24.31
C GLU A 47 2.88 13.07 24.90
N MET A 48 2.60 14.10 24.11
CA MET A 48 2.00 15.31 24.66
C MET A 48 0.55 15.07 25.06
N ASP A 49 0.15 15.66 26.18
CA ASP A 49 -1.18 15.43 26.71
C ASP A 49 -2.25 15.92 25.74
N ILE A 50 -3.34 15.15 25.65
CA ILE A 50 -4.47 15.47 24.79
C ILE A 50 -5.09 16.84 25.12
N ASN A 51 -4.69 17.47 26.22
CA ASN A 51 -5.23 18.75 26.62
C ASN A 51 -4.20 19.86 26.68
N ALA A 52 -2.92 19.55 26.50
CA ALA A 52 -1.87 20.56 26.53
C ALA A 52 -1.83 21.30 25.20
N THR A 53 -1.89 22.63 25.26
CA THR A 53 -1.96 23.47 24.07
C THR A 53 -0.86 24.53 24.07
N SER A 54 0.31 24.21 24.60
CA SER A 54 1.34 25.23 24.76
C SER A 54 2.66 24.83 24.13
N PHE A 55 2.95 23.53 24.04
CA PHE A 55 4.15 23.09 23.33
C PHE A 55 4.13 23.59 21.90
N ALA A 56 2.95 23.59 21.27
CA ALA A 56 2.78 24.05 19.90
C ALA A 56 3.07 25.53 19.72
N GLU A 57 3.23 26.29 20.81
CA GLU A 57 3.82 27.62 20.69
C GLU A 57 5.15 27.49 19.96
N HIS A 58 5.32 28.33 18.93
CA HIS A 58 6.15 28.02 17.77
C HIS A 58 7.29 27.05 18.05
N SER A 59 7.23 25.92 17.37
CA SER A 59 8.03 24.74 17.61
C SER A 59 8.59 24.27 16.27
N PRO A 60 9.54 23.33 16.28
CA PRO A 60 10.05 22.81 15.01
C PRO A 60 9.00 22.14 14.13
N LEU A 61 7.86 21.75 14.70
CA LEU A 61 6.88 20.99 13.93
C LEU A 61 6.31 21.83 12.80
N PRO A 62 5.90 21.20 11.71
CA PRO A 62 5.40 21.95 10.56
C PRO A 62 4.11 22.69 10.87
N ASP A 63 3.80 23.66 10.01
CA ASP A 63 2.63 24.51 10.20
C ASP A 63 1.35 23.68 10.33
N PHE A 64 1.17 22.71 9.45
CA PHE A 64 -0.07 21.93 9.43
C PHE A 64 -0.34 21.27 10.78
N VAL A 65 0.68 20.62 11.36
CA VAL A 65 0.46 19.85 12.58
C VAL A 65 0.09 20.76 13.74
N THR A 66 0.90 21.80 13.96
CA THR A 66 0.64 22.73 15.06
C THR A 66 -0.78 23.28 14.99
N ARG A 67 -1.23 23.68 13.80
CA ARG A 67 -2.56 24.25 13.68
C ARG A 67 -3.64 23.20 13.81
N LEU A 68 -3.45 22.04 13.20
CA LEU A 68 -4.44 20.98 13.28
C LEU A 68 -4.65 20.53 14.71
N TRP A 69 -3.60 20.58 15.54
CA TRP A 69 -3.72 20.19 16.94
C TRP A 69 -4.48 21.23 17.73
N LEU A 70 -4.10 22.50 17.59
CA LEU A 70 -4.63 23.53 18.48
C LEU A 70 -6.12 23.76 18.23
N ASP A 71 -6.52 23.88 16.97
CA ASP A 71 -7.93 24.05 16.62
C ASP A 71 -8.17 23.39 15.27
N PRO A 72 -8.46 22.09 15.26
CA PRO A 72 -8.61 21.39 13.97
C PRO A 72 -9.72 21.94 13.09
N HIS A 73 -10.87 22.30 13.66
CA HIS A 73 -11.96 22.76 12.81
C HIS A 73 -11.74 24.17 12.27
N LYS A 74 -10.68 24.86 12.68
CA LYS A 74 -10.28 26.09 12.01
C LYS A 74 -9.21 25.82 10.95
N ALA A 75 -8.31 24.87 11.20
CA ALA A 75 -7.28 24.55 10.21
C ALA A 75 -7.87 23.82 9.01
N LEU A 76 -8.98 23.10 9.20
CA LEU A 76 -9.73 22.46 8.12
C LEU A 76 -11.21 22.69 8.40
N ASP A 77 -11.72 23.85 7.97
CA ASP A 77 -13.08 24.24 8.32
C ASP A 77 -14.15 23.57 7.46
N ALA A 78 -13.82 22.51 6.72
CA ALA A 78 -14.83 21.65 6.12
C ALA A 78 -14.99 20.34 6.86
N MET A 79 -14.24 20.14 7.94
CA MET A 79 -14.25 18.87 8.67
C MET A 79 -15.55 18.68 9.44
N ASP A 80 -16.05 17.44 9.42
CA ASP A 80 -17.37 17.13 9.97
C ASP A 80 -17.39 17.31 11.48
N LYS A 81 -18.44 17.97 11.99
CA LYS A 81 -18.63 18.10 13.43
C LYS A 81 -18.56 16.77 14.17
N ASN A 82 -18.93 15.66 13.52
CA ASN A 82 -18.93 14.35 14.19
C ASN A 82 -17.52 13.79 14.41
N ILE A 83 -16.49 14.52 14.02
CA ILE A 83 -15.12 14.21 14.37
C ILE A 83 -14.73 15.15 15.50
N SER A 84 -14.65 14.61 16.71
CA SER A 84 -14.31 15.42 17.87
C SER A 84 -12.85 15.85 17.83
N LYS A 85 -12.58 16.99 18.49
CA LYS A 85 -11.22 17.54 18.50
C LYS A 85 -10.23 16.55 19.11
N ASN A 86 -10.67 15.80 20.11
CA ASN A 86 -9.79 14.83 20.75
C ASN A 86 -9.49 13.65 19.82
N GLU A 87 -10.47 13.24 19.01
CA GLU A 87 -10.18 12.25 17.98
C GLU A 87 -9.07 12.74 17.07
N ILE A 88 -9.11 14.01 16.68
CA ILE A 88 -8.05 14.59 15.85
C ILE A 88 -6.73 14.54 16.59
N ARG A 89 -6.71 15.03 17.83
CA ARG A 89 -5.47 15.08 18.60
C ARG A 89 -4.90 13.70 18.82
N LYS A 90 -5.75 12.71 19.09
CA LYS A 90 -5.27 11.34 19.26
C LYS A 90 -4.68 10.82 17.95
N LEU A 91 -5.29 11.18 16.82
CA LEU A 91 -4.74 10.80 15.52
C LEU A 91 -3.36 11.40 15.30
N ILE A 92 -3.18 12.68 15.64
CA ILE A 92 -1.89 13.33 15.50
C ILE A 92 -0.84 12.63 16.36
N LYS A 93 -1.21 12.34 17.62
CA LYS A 93 -0.30 11.63 18.52
C LYS A 93 0.04 10.25 17.99
N GLU A 94 -0.95 9.51 17.51
CA GLU A 94 -0.72 8.17 16.99
C GLU A 94 0.18 8.21 15.77
N THR A 95 -0.11 9.12 14.83
CA THR A 95 0.72 9.27 13.64
C THR A 95 2.17 9.55 14.01
N ALA A 96 2.38 10.51 14.92
CA ALA A 96 3.73 10.84 15.36
C ALA A 96 4.43 9.64 15.96
N ARG A 97 3.71 8.84 16.75
CA ARG A 97 4.31 7.65 17.35
C ARG A 97 4.76 6.65 16.29
N GLU A 98 3.94 6.45 15.26
CA GLU A 98 4.26 5.44 14.26
C GLU A 98 5.50 5.80 13.46
N ILE A 99 5.67 7.08 13.14
CA ILE A 99 6.85 7.48 12.37
C ILE A 99 8.09 7.52 13.25
N GLU A 100 7.94 7.86 14.53
CA GLU A 100 9.09 7.84 15.44
C GLU A 100 9.62 6.43 15.62
N LEU A 101 8.73 5.43 15.68
CA LEU A 101 9.16 4.05 15.90
C LEU A 101 9.90 3.53 14.68
N VAL A 102 9.46 3.95 13.49
CA VAL A 102 10.18 3.57 12.28
C VAL A 102 11.60 4.08 12.33
N PHE A 103 11.81 5.30 12.86
CA PHE A 103 13.12 5.93 12.84
C PHE A 103 13.85 5.87 14.18
N THR A 104 13.48 4.93 15.04
CA THR A 104 14.39 4.43 16.07
C THR A 104 14.88 3.02 15.73
N HIS A 105 14.60 2.56 14.50
CA HIS A 105 15.05 1.26 14.01
C HIS A 105 15.26 1.31 12.50
N GLU B 8 -33.66 -10.65 -7.81
CA GLU B 8 -34.05 -10.40 -6.43
C GLU B 8 -32.91 -9.69 -5.70
N LYS B 9 -32.80 -9.91 -4.39
CA LYS B 9 -31.56 -9.59 -3.68
C LYS B 9 -30.53 -10.68 -3.88
N THR B 10 -30.49 -11.24 -5.08
CA THR B 10 -29.48 -12.21 -5.45
C THR B 10 -28.08 -11.62 -5.28
N GLY B 11 -27.13 -12.48 -4.92
CA GLY B 11 -25.75 -12.05 -4.76
C GLY B 11 -25.12 -11.53 -6.03
N LEU B 12 -25.62 -11.94 -7.20
CA LEU B 12 -25.12 -11.38 -8.45
C LEU B 12 -25.48 -9.90 -8.57
N HIS B 13 -26.60 -9.49 -7.97
CA HIS B 13 -26.96 -8.08 -8.01
C HIS B 13 -26.02 -7.22 -7.19
N VAL B 14 -25.44 -7.80 -6.13
CA VAL B 14 -24.41 -7.08 -5.37
C VAL B 14 -23.22 -6.77 -6.27
N HIS B 15 -22.85 -7.71 -7.14
CA HIS B 15 -21.72 -7.48 -8.04
C HIS B 15 -22.03 -6.36 -9.03
N GLU B 16 -23.21 -6.41 -9.64
CA GLU B 16 -23.54 -5.43 -10.68
C GLU B 16 -23.63 -4.02 -10.10
N LYS B 17 -24.14 -3.90 -8.87
CA LYS B 17 -24.27 -2.58 -8.24
C LYS B 17 -22.90 -1.98 -7.93
N ILE B 18 -21.98 -2.75 -7.35
CA ILE B 18 -20.67 -2.20 -7.00
C ILE B 18 -19.85 -1.92 -8.25
N LYS B 19 -20.02 -2.70 -9.31
CA LYS B 19 -19.30 -2.42 -10.54
C LYS B 19 -19.86 -1.18 -11.23
N HIS B 20 -21.19 -1.09 -11.33
CA HIS B 20 -21.83 0.09 -11.90
C HIS B 20 -21.39 1.35 -11.17
N MET B 21 -21.38 1.31 -9.85
CA MET B 21 -21.10 2.52 -9.04
C MET B 21 -19.64 2.91 -9.03
N VAL B 22 -18.71 1.96 -8.98
CA VAL B 22 -17.31 2.35 -9.02
C VAL B 22 -16.93 2.80 -10.43
N LYS B 23 -17.60 2.27 -11.45
CA LYS B 23 -17.35 2.69 -12.83
C LYS B 23 -17.75 4.15 -13.03
N ASN B 24 -18.92 4.52 -12.54
CA ASN B 24 -19.48 5.82 -12.84
C ASN B 24 -18.95 6.93 -11.93
N TYR B 25 -18.63 6.62 -10.67
CA TYR B 25 -18.33 7.63 -9.68
C TYR B 25 -16.89 7.63 -9.20
N GLY B 26 -16.20 6.50 -9.31
CA GLY B 26 -14.78 6.47 -8.94
C GLY B 26 -14.56 6.75 -7.47
N THR B 27 -13.72 7.76 -7.20
CA THR B 27 -13.30 8.11 -5.85
C THR B 27 -14.44 8.58 -4.96
N MET B 28 -15.61 8.84 -5.56
CA MET B 28 -16.80 9.32 -4.80
C MET B 28 -17.32 8.20 -3.90
N ILE B 29 -16.96 6.95 -4.21
CA ILE B 29 -17.39 5.79 -3.44
C ILE B 29 -16.81 5.84 -2.02
N THR B 30 -15.68 6.52 -1.84
CA THR B 30 -15.14 6.66 -0.50
C THR B 30 -16.10 7.40 0.43
N GLY B 31 -16.98 8.22 -0.13
CA GLY B 31 -17.85 9.05 0.68
C GLY B 31 -17.20 10.28 1.25
N ILE B 32 -15.95 10.54 0.90
CA ILE B 32 -15.23 11.72 1.36
C ILE B 32 -15.87 12.96 0.74
N PRO B 33 -16.33 13.91 1.54
CA PRO B 33 -16.91 15.14 0.97
C PRO B 33 -15.87 15.92 0.18
N ALA B 34 -16.30 16.54 -0.91
CA ALA B 34 -15.37 17.20 -1.82
C ALA B 34 -14.60 18.31 -1.12
N GLU B 35 -15.26 19.05 -0.23
CA GLU B 35 -14.65 20.23 0.37
C GLU B 35 -13.45 19.85 1.23
N ILE B 36 -13.64 18.92 2.17
CA ILE B 36 -12.54 18.45 3.00
C ILE B 36 -11.47 17.74 2.17
N LEU B 37 -11.83 17.18 1.02
CA LEU B 37 -10.82 16.63 0.13
C LEU B 37 -9.88 17.72 -0.36
N GLY B 38 -10.45 18.84 -0.83
CA GLY B 38 -9.63 19.92 -1.36
C GLY B 38 -8.82 20.65 -0.30
N GLN B 39 -9.34 20.73 0.93
CA GLN B 39 -8.57 21.35 2.00
C GLN B 39 -7.37 20.51 2.37
N ASN B 40 -7.53 19.19 2.41
CA ASN B 40 -6.40 18.31 2.68
C ASN B 40 -5.35 18.41 1.57
N GLU B 41 -5.79 18.34 0.31
CA GLU B 41 -4.86 18.38 -0.80
C GLU B 41 -4.21 19.75 -0.95
N ALA B 42 -4.82 20.80 -0.41
CA ALA B 42 -4.15 22.09 -0.36
C ALA B 42 -2.99 22.06 0.63
N GLU B 43 -3.22 21.53 1.83
CA GLU B 43 -2.18 21.50 2.87
C GLU B 43 -0.93 20.76 2.42
N ILE B 44 -1.11 19.62 1.73
CA ILE B 44 0.06 18.85 1.31
C ILE B 44 0.72 19.43 0.07
N SER B 45 0.16 20.48 -0.53
CA SER B 45 0.66 21.03 -1.79
C SER B 45 1.24 22.43 -1.67
N VAL B 46 1.20 23.04 -0.48
CA VAL B 46 1.67 24.41 -0.29
C VAL B 46 3.05 24.61 -0.92
N GLY B 47 3.98 23.70 -0.62
CA GLY B 47 5.33 23.81 -1.13
C GLY B 47 5.45 23.79 -2.64
N TYR B 48 4.48 23.19 -3.33
CA TYR B 48 4.54 23.07 -4.78
C TYR B 48 4.17 24.36 -5.50
N VAL B 49 3.52 25.30 -4.83
CA VAL B 49 3.03 26.51 -5.46
C VAL B 49 4.20 27.48 -5.66
N LYS B 50 4.38 27.93 -6.90
CA LYS B 50 5.39 28.93 -7.21
C LYS B 50 5.21 30.17 -6.34
N LYS B 51 6.32 30.71 -5.86
CA LYS B 51 6.32 31.93 -5.06
C LYS B 51 6.60 33.17 -5.91
N MET B 52 6.87 32.97 -7.21
CA MET B 52 7.26 34.12 -8.05
C MET B 52 6.26 34.39 -9.18
N GLY B 53 5.66 35.58 -9.15
CA GLY B 53 4.78 36.04 -10.21
C GLY B 53 3.31 36.20 -9.82
N ASN B 54 2.43 35.63 -10.63
CA ASN B 54 0.98 35.76 -10.46
C ASN B 54 0.47 34.54 -9.71
N MET B 55 0.67 34.58 -8.39
CA MET B 55 0.34 33.49 -7.44
C MET B 55 -1.05 32.89 -7.74
N LYS B 56 -2.01 33.73 -8.15
CA LYS B 56 -3.35 33.23 -8.42
C LYS B 56 -3.32 32.23 -9.57
N GLU B 57 -2.56 32.53 -10.62
CA GLU B 57 -2.37 31.53 -11.67
C GLU B 57 -1.51 30.37 -11.18
N ASN B 58 -0.55 30.63 -10.29
CA ASN B 58 0.28 29.57 -9.72
C ASN B 58 -0.54 28.65 -8.83
N ILE B 59 -1.52 29.20 -8.09
CA ILE B 59 -2.43 28.34 -7.35
C ILE B 59 -3.26 27.50 -8.32
N ALA B 60 -3.88 28.15 -9.31
CA ALA B 60 -4.70 27.43 -10.27
C ALA B 60 -3.90 26.37 -11.01
N GLU B 61 -2.60 26.62 -11.25
CA GLU B 61 -1.79 25.61 -11.92
C GLU B 61 -1.69 24.34 -11.08
N VAL B 62 -1.42 24.50 -9.77
CA VAL B 62 -1.27 23.34 -8.89
C VAL B 62 -2.62 22.64 -8.69
N VAL B 63 -3.72 23.39 -8.69
CA VAL B 63 -5.04 22.78 -8.55
C VAL B 63 -5.35 21.89 -9.76
N ARG B 64 -4.97 22.34 -10.96
CA ARG B 64 -5.27 21.56 -12.15
C ARG B 64 -4.35 20.36 -12.28
N LYS B 65 -3.05 20.55 -12.06
CA LYS B 65 -2.12 19.43 -12.01
C LYS B 65 -2.39 18.47 -10.86
N SER B 66 -3.40 18.73 -10.04
CA SER B 66 -3.66 17.92 -8.85
C SER B 66 -4.47 16.69 -9.20
N GLU B 67 -4.00 15.53 -8.74
CA GLU B 67 -4.64 14.24 -9.02
C GLU B 67 -5.53 13.77 -7.88
N MET B 68 -6.15 14.71 -7.15
CA MET B 68 -7.02 14.42 -5.96
C MET B 68 -8.34 13.73 -6.33
N THR B 69 -8.95 14.07 -7.45
CA THR B 69 -10.20 13.46 -7.84
C THR B 69 -10.02 12.13 -8.56
N GLN B 70 -8.82 11.82 -9.01
CA GLN B 70 -8.52 10.47 -9.46
C GLN B 70 -8.70 9.51 -8.28
N PRO B 71 -9.30 8.35 -8.51
CA PRO B 71 -9.37 7.34 -7.44
C PRO B 71 -8.00 6.81 -7.06
N THR B 72 -7.94 6.22 -5.86
CA THR B 72 -6.72 5.60 -5.38
C THR B 72 -6.36 4.39 -6.23
N ASN B 73 -5.06 4.11 -6.36
CA ASN B 73 -4.61 2.92 -7.04
C ASN B 73 -3.86 1.99 -6.09
N SER B 74 -4.14 2.09 -4.80
CA SER B 74 -3.46 1.31 -3.77
C SER B 74 -4.11 -0.06 -3.59
N CYS B 75 -3.28 -1.11 -3.62
CA CYS B 75 -3.77 -2.51 -3.51
C CYS B 75 -4.67 -2.69 -2.28
N GLY B 76 -4.19 -2.32 -1.10
CA GLY B 76 -4.95 -2.50 0.16
C GLY B 76 -6.14 -1.57 0.30
N LYS B 77 -5.96 -0.28 0.00
CA LYS B 77 -7.03 0.70 0.16
C LYS B 77 -8.26 0.29 -0.65
N ALA B 78 -8.05 -0.19 -1.88
CA ALA B 78 -9.18 -0.66 -2.67
C ALA B 78 -9.84 -1.88 -2.03
N SER B 79 -9.02 -2.81 -1.53
CA SER B 79 -9.56 -4.02 -0.91
C SER B 79 -10.32 -3.69 0.37
N ASN B 80 -9.76 -2.81 1.21
CA ASN B 80 -10.47 -2.32 2.37
C ASN B 80 -11.84 -1.78 1.99
N GLU B 81 -11.89 -1.04 0.89
CA GLU B 81 -13.11 -0.41 0.42
C GLU B 81 -14.17 -1.45 0.05
N VAL B 82 -13.76 -2.51 -0.65
CA VAL B 82 -14.72 -3.54 -1.06
C VAL B 82 -15.23 -4.31 0.15
N CYS B 83 -14.36 -4.55 1.14
CA CYS B 83 -14.80 -5.24 2.35
C CYS B 83 -15.83 -4.42 3.12
N ASP B 84 -15.55 -3.13 3.31
CA ASP B 84 -16.45 -2.25 4.06
C ASP B 84 -17.83 -2.23 3.44
N LEU B 85 -17.91 -2.08 2.11
CA LEU B 85 -19.21 -1.99 1.45
C LEU B 85 -19.93 -3.33 1.46
N LEU B 86 -19.21 -4.43 1.28
CA LEU B 86 -19.87 -5.73 1.13
C LEU B 86 -20.19 -6.40 2.46
N LEU B 87 -19.54 -5.98 3.55
CA LEU B 87 -19.71 -6.64 4.83
C LEU B 87 -20.17 -5.71 5.94
N GLY B 88 -20.40 -4.44 5.65
CA GLY B 88 -20.60 -3.46 6.69
C GLY B 88 -19.31 -3.12 7.40
N THR B 89 -19.38 -2.11 8.26
CA THR B 89 -18.15 -1.52 8.78
C THR B 89 -17.47 -2.42 9.81
N GLU B 90 -18.22 -3.18 10.59
CA GLU B 90 -17.61 -4.06 11.57
C GLU B 90 -17.39 -5.48 11.06
N GLY B 91 -18.26 -5.97 10.19
CA GLY B 91 -17.96 -7.21 9.50
C GLY B 91 -16.63 -7.15 8.77
N ALA B 92 -16.30 -5.99 8.20
CA ALA B 92 -15.04 -5.83 7.50
C ALA B 92 -13.86 -5.74 8.45
N SER B 93 -14.07 -5.38 9.72
CA SER B 93 -12.98 -5.44 10.68
C SER B 93 -12.73 -6.87 11.15
N GLU B 94 -13.80 -7.62 11.44
CA GLU B 94 -13.66 -9.03 11.79
C GLU B 94 -12.93 -9.78 10.68
N PHE B 95 -13.34 -9.55 9.43
CA PHE B 95 -12.71 -10.23 8.30
C PHE B 95 -11.25 -9.85 8.17
N GLU B 96 -10.92 -8.58 8.46
CA GLU B 96 -9.55 -8.11 8.32
C GLU B 96 -8.65 -8.61 9.46
N LYS B 97 -9.21 -8.78 10.66
CA LYS B 97 -8.41 -9.21 11.81
C LYS B 97 -8.11 -10.71 11.83
N SER B 98 -8.91 -11.51 11.14
CA SER B 98 -8.80 -12.96 11.21
C SER B 98 -7.57 -13.45 10.42
N SER B 99 -7.30 -14.75 10.54
CA SER B 99 -6.08 -15.33 10.03
C SER B 99 -6.16 -15.58 8.52
N TYR B 100 -5.01 -15.46 7.86
CA TYR B 100 -4.88 -15.87 6.47
C TYR B 100 -4.56 -17.35 6.41
N GLN B 101 -4.37 -17.84 5.19
CA GLN B 101 -4.15 -19.25 4.92
C GLN B 101 -3.39 -19.36 3.62
N VAL B 102 -2.33 -20.16 3.61
CA VAL B 102 -1.48 -20.21 2.43
C VAL B 102 -2.07 -21.17 1.41
N LEU B 103 -2.22 -20.71 0.18
CA LEU B 103 -2.74 -21.52 -0.91
C LEU B 103 -1.85 -22.72 -1.16
N SER B 104 -2.41 -23.92 -0.98
CA SER B 104 -1.64 -25.13 -1.23
C SER B 104 -1.24 -25.20 -2.70
N GLY B 105 -0.33 -26.13 -2.99
CA GLY B 105 0.25 -26.20 -4.32
C GLY B 105 -0.75 -26.45 -5.42
N ASP B 106 -1.79 -27.22 -5.13
CA ASP B 106 -2.82 -27.52 -6.11
C ASP B 106 -4.05 -26.64 -5.95
N GLY B 107 -4.06 -25.73 -4.98
CA GLY B 107 -5.21 -24.88 -4.75
C GLY B 107 -6.41 -25.56 -4.12
N SER B 108 -6.30 -26.85 -3.81
CA SER B 108 -7.42 -27.60 -3.24
C SER B 108 -8.00 -26.92 -2.02
N ASN B 109 -7.14 -26.37 -1.15
CA ASN B 109 -7.64 -25.74 0.08
C ASN B 109 -8.44 -24.47 -0.19
N LEU B 110 -8.29 -23.85 -1.37
CA LEU B 110 -9.19 -22.74 -1.68
C LEU B 110 -10.49 -23.25 -2.28
N LYS B 111 -10.40 -24.23 -3.20
CA LYS B 111 -11.61 -24.82 -3.78
C LYS B 111 -12.56 -25.28 -2.68
N GLY B 112 -12.03 -25.92 -1.64
CA GLY B 112 -12.87 -26.40 -0.56
C GLY B 112 -13.47 -25.30 0.28
N SER B 113 -12.84 -24.13 0.30
CA SER B 113 -13.32 -22.99 1.08
C SER B 113 -14.45 -22.24 0.39
N LEU B 114 -14.94 -22.72 -0.75
CA LEU B 114 -15.94 -22.02 -1.54
C LEU B 114 -17.20 -22.87 -1.67
N PRO B 115 -18.01 -22.96 -0.61
CA PRO B 115 -19.36 -23.52 -0.77
C PRO B 115 -20.19 -22.61 -1.67
N ASN B 116 -21.31 -23.13 -2.16
CA ASN B 116 -22.15 -22.27 -2.99
C ASN B 116 -22.97 -21.34 -2.10
N LYS B 117 -22.34 -20.22 -1.72
CA LYS B 117 -23.02 -19.13 -1.05
C LYS B 117 -22.41 -17.83 -1.54
N ASN B 118 -23.02 -16.72 -1.17
CA ASN B 118 -22.44 -15.42 -1.47
C ASN B 118 -21.17 -15.27 -0.64
N LEU B 119 -20.02 -15.51 -1.26
CA LEU B 119 -18.74 -15.47 -0.56
C LEU B 119 -17.84 -14.39 -1.12
N LEU B 120 -17.06 -13.77 -0.24
CA LEU B 120 -16.04 -12.80 -0.61
C LEU B 120 -14.70 -13.30 -0.10
N VAL B 121 -13.73 -13.42 -1.00
CA VAL B 121 -12.38 -13.85 -0.68
C VAL B 121 -11.46 -12.64 -0.66
N ARG B 122 -10.55 -12.60 0.32
CA ARG B 122 -9.49 -11.60 0.36
C ARG B 122 -8.15 -12.30 0.20
N VAL B 123 -7.32 -11.81 -0.73
CA VAL B 123 -6.08 -12.47 -1.10
C VAL B 123 -4.91 -11.53 -0.86
N GLU B 124 -3.79 -12.09 -0.41
CA GLU B 124 -2.53 -11.35 -0.25
C GLU B 124 -1.43 -12.07 -1.02
N MET B 125 -0.75 -11.35 -1.91
CA MET B 125 0.37 -11.91 -2.71
C MET B 125 1.70 -11.55 -2.03
N ASP B 126 2.46 -12.55 -1.60
CA ASP B 126 3.74 -12.34 -0.94
C ASP B 126 4.88 -12.66 -1.90
N ARG B 127 5.96 -11.89 -1.78
CA ARG B 127 7.17 -12.07 -2.56
C ARG B 127 8.30 -12.44 -1.61
N PHE B 128 9.11 -13.41 -2.01
CA PHE B 128 10.25 -13.79 -1.19
C PHE B 128 11.42 -12.88 -1.55
N ASN B 129 11.52 -11.76 -0.84
CA ASN B 129 12.47 -10.69 -1.16
C ASN B 129 13.78 -10.93 -0.38
N ALA B 130 14.53 -11.84 -0.87
CA ALA B 130 15.78 -12.22 -0.25
C ALA B 130 16.91 -11.33 -0.76
N PRO B 131 17.93 -11.07 0.05
CA PRO B 131 18.98 -10.13 -0.37
C PRO B 131 19.77 -10.64 -1.57
N GLN B 132 20.07 -9.71 -2.48
CA GLN B 132 20.79 -10.02 -3.70
C GLN B 132 22.14 -9.36 -3.80
N LYS B 133 22.47 -8.46 -2.87
CA LYS B 133 23.72 -7.71 -2.91
C LYS B 133 24.49 -7.92 -1.62
N TYR B 134 25.77 -7.56 -1.65
CA TYR B 134 26.58 -7.62 -0.46
C TYR B 134 27.56 -6.47 -0.49
N GLN B 135 28.04 -6.11 0.70
CA GLN B 135 29.14 -5.17 0.85
C GLN B 135 30.14 -5.71 1.85
N LYS B 136 31.41 -5.59 1.51
CA LYS B 136 32.51 -5.86 2.44
C LYS B 136 32.83 -4.56 3.16
N ILE B 137 32.65 -4.56 4.48
CA ILE B 137 32.82 -3.33 5.25
C ILE B 137 33.51 -3.66 6.57
N LYS B 138 34.32 -2.73 7.04
CA LYS B 138 34.95 -2.84 8.35
C LYS B 138 33.92 -2.56 9.44
N ARG B 139 34.12 -3.21 10.59
CA ARG B 139 33.12 -3.13 11.66
C ARG B 139 32.91 -1.69 12.13
N GLU B 140 34.00 -0.94 12.31
CA GLU B 140 33.87 0.43 12.82
C GLU B 140 33.30 1.40 11.80
N GLU B 141 32.85 0.89 10.65
CA GLU B 141 32.15 1.71 9.66
C GLU B 141 30.75 1.20 9.37
N PHE B 142 30.34 0.09 9.98
CA PHE B 142 29.02 -0.48 9.77
C PHE B 142 28.09 0.02 10.87
N ASN B 143 27.02 0.71 10.47
CA ASN B 143 26.00 1.18 11.42
C ASN B 143 24.65 0.68 10.93
N PRO B 144 24.02 -0.27 11.64
CA PRO B 144 22.79 -0.90 11.11
C PRO B 144 21.62 0.05 10.93
N GLU B 145 21.65 1.24 11.53
CA GLU B 145 20.57 2.19 11.30
C GLU B 145 20.79 3.05 10.06
N THR B 146 22.04 3.25 9.65
CA THR B 146 22.33 4.05 8.47
C THR B 146 22.33 3.22 7.20
N ALA B 147 22.69 1.93 7.30
CA ALA B 147 23.03 1.12 6.15
C ALA B 147 21.78 0.71 5.37
N GLU B 148 22.00 0.42 4.08
CA GLU B 148 20.93 -0.04 3.20
C GLU B 148 20.39 -1.38 3.68
N LYS B 149 19.07 -1.43 3.84
CA LYS B 149 18.44 -2.63 4.38
C LYS B 149 18.27 -3.69 3.30
N ASN B 150 18.09 -4.93 3.77
CA ASN B 150 17.99 -6.10 2.89
C ASN B 150 19.30 -6.27 2.12
N LYS B 151 20.39 -6.48 2.87
CA LYS B 151 21.72 -6.63 2.31
C LYS B 151 22.58 -7.50 3.22
N ILE B 152 23.53 -8.23 2.62
CA ILE B 152 24.51 -9.01 3.36
C ILE B 152 25.72 -8.13 3.65
N TYR B 153 26.29 -8.26 4.84
CA TYR B 153 27.47 -7.49 5.23
C TYR B 153 28.53 -8.42 5.80
N LEU B 154 29.72 -8.38 5.20
CA LEU B 154 30.87 -9.19 5.61
C LEU B 154 31.82 -8.30 6.40
N LEU B 155 31.76 -8.38 7.72
CA LEU B 155 32.72 -7.69 8.55
C LEU B 155 33.99 -8.53 8.66
N GLU B 156 34.99 -8.00 9.38
CA GLU B 156 36.27 -8.70 9.50
C GLU B 156 36.10 -10.08 10.12
N ASP B 157 35.14 -10.22 11.04
CA ASP B 157 35.00 -11.44 11.83
C ASP B 157 33.57 -11.95 11.86
N GLN B 158 32.68 -11.43 11.01
CA GLN B 158 31.28 -11.82 11.07
C GLN B 158 30.63 -11.58 9.73
N LEU B 159 29.62 -12.39 9.42
CA LEU B 159 28.80 -12.28 8.22
C LEU B 159 27.35 -12.13 8.68
N VAL B 160 26.77 -10.96 8.43
CA VAL B 160 25.46 -10.65 8.97
C VAL B 160 24.48 -10.37 7.83
N TYR B 161 23.20 -10.50 8.15
CA TYR B 161 22.13 -10.13 7.25
C TYR B 161 21.35 -9.00 7.93
N LEU B 162 21.36 -7.83 7.30
CA LEU B 162 20.58 -6.69 7.79
C LEU B 162 19.26 -6.72 7.04
N ASP B 163 18.21 -7.19 7.71
CA ASP B 163 16.95 -7.45 7.04
C ASP B 163 16.25 -6.13 6.72
N ILE B 164 15.08 -6.22 6.06
CA ILE B 164 14.40 -5.01 5.59
C ILE B 164 13.82 -4.21 6.73
N PHE B 165 13.80 -4.75 7.95
CA PHE B 165 13.28 -4.03 9.10
C PHE B 165 14.40 -3.48 9.98
N GLY B 166 15.65 -3.66 9.59
CA GLY B 166 16.77 -3.13 10.34
C GLY B 166 17.36 -4.07 11.36
N LYS B 167 16.89 -5.31 11.38
CA LYS B 167 17.38 -6.36 12.33
C LYS B 167 18.65 -7.00 11.80
N VAL B 168 19.62 -7.28 12.68
CA VAL B 168 20.87 -7.92 12.30
C VAL B 168 20.78 -9.39 12.63
N ILE B 169 20.85 -10.23 11.60
CA ILE B 169 20.82 -11.68 11.77
C ILE B 169 22.20 -12.21 11.42
N ASP B 170 22.82 -12.87 12.40
CA ASP B 170 24.10 -13.52 12.17
C ASP B 170 23.91 -14.80 11.36
N LEU B 171 24.84 -15.06 10.45
CA LEU B 171 24.73 -16.21 9.56
C LEU B 171 25.61 -17.38 10.01
N GLY B 172 25.98 -17.42 11.29
CA GLY B 172 26.52 -18.62 11.89
C GLY B 172 27.91 -19.01 11.44
N GLN B 173 28.73 -18.04 11.04
CA GLN B 173 30.09 -18.30 10.60
C GLN B 173 31.08 -18.07 11.73
N THR B 174 32.19 -18.79 11.67
CA THR B 174 33.29 -18.58 12.60
C THR B 174 34.09 -17.33 12.22
N SER B 175 34.78 -16.78 13.22
CA SER B 175 35.67 -15.65 12.96
C SER B 175 36.69 -15.99 11.88
N ASP B 176 37.26 -17.19 11.95
CA ASP B 176 38.33 -17.55 11.03
C ASP B 176 37.83 -17.73 9.61
N THR B 177 36.60 -18.21 9.43
CA THR B 177 36.02 -18.25 8.10
C THR B 177 35.83 -16.84 7.55
N CYS B 178 35.39 -15.92 8.41
CA CYS B 178 35.11 -14.56 7.96
C CYS B 178 36.39 -13.79 7.66
N HIS B 179 37.38 -13.90 8.55
CA HIS B 179 38.67 -13.25 8.31
C HIS B 179 39.25 -13.66 6.96
N ARG B 180 39.15 -14.94 6.62
CA ARG B 180 39.68 -15.40 5.34
C ARG B 180 38.92 -14.79 4.17
N LEU B 181 37.59 -14.75 4.25
CA LEU B 181 36.80 -14.15 3.17
C LEU B 181 37.01 -12.65 3.11
N PHE B 182 37.13 -12.00 4.27
CA PHE B 182 37.32 -10.55 4.30
C PHE B 182 38.62 -10.14 3.63
N ASN B 183 39.70 -10.87 3.91
CA ASN B 183 41.00 -10.55 3.32
C ASN B 183 41.15 -11.05 1.89
N ALA B 184 40.28 -11.97 1.44
CA ALA B 184 40.39 -12.51 0.10
C ALA B 184 39.81 -11.58 -0.96
N ILE B 185 38.79 -10.80 -0.61
CA ILE B 185 38.06 -9.99 -1.59
C ILE B 185 38.72 -8.61 -1.60
N THR B 186 39.71 -8.46 -2.48
CA THR B 186 40.56 -7.27 -2.53
C THR B 186 40.21 -6.30 -3.65
N THR B 187 39.55 -6.76 -4.70
CA THR B 187 39.30 -5.93 -5.87
C THR B 187 38.22 -4.89 -5.55
N PRO B 188 38.48 -3.61 -5.79
CA PRO B 188 37.45 -2.58 -5.52
C PRO B 188 36.11 -2.85 -6.22
N PHE B 189 36.14 -3.44 -7.41
CA PHE B 189 34.89 -3.78 -8.10
C PHE B 189 34.01 -4.68 -7.23
N TYR B 190 34.62 -5.54 -6.41
CA TYR B 190 33.90 -6.55 -5.67
C TYR B 190 33.67 -6.18 -4.20
N GLN B 191 34.16 -5.04 -3.75
CA GLN B 191 33.91 -4.63 -2.37
C GLN B 191 32.42 -4.45 -2.10
N ASN B 192 31.65 -4.00 -3.09
CA ASN B 192 30.22 -3.72 -2.97
C ASN B 192 29.55 -4.22 -4.25
N TYR B 193 29.07 -5.46 -4.21
CA TYR B 193 28.77 -6.20 -5.44
C TYR B 193 27.48 -7.00 -5.23
N ILE B 194 27.27 -8.01 -6.06
CA ILE B 194 26.09 -8.86 -6.01
C ILE B 194 26.49 -10.23 -5.48
N LEU B 195 25.51 -10.96 -4.94
CA LEU B 195 25.78 -12.21 -4.26
C LEU B 195 25.83 -13.41 -5.18
N TYR B 196 25.11 -13.38 -6.29
CA TYR B 196 24.97 -14.55 -7.16
C TYR B 196 25.29 -14.14 -8.60
N ASP B 197 26.57 -13.87 -8.85
CA ASP B 197 27.09 -13.67 -10.18
C ASP B 197 27.37 -15.04 -10.78
N GLU B 198 26.46 -15.51 -11.63
CA GLU B 198 26.59 -16.84 -12.21
C GLU B 198 27.80 -16.97 -13.13
N TYR B 199 28.46 -15.87 -13.48
CA TYR B 199 29.64 -15.92 -14.34
C TYR B 199 30.94 -15.99 -13.57
N ILE B 200 30.88 -15.92 -12.23
CA ILE B 200 32.08 -16.05 -11.41
C ILE B 200 32.63 -17.46 -11.53
N ASP B 201 33.95 -17.57 -11.71
CA ASP B 201 34.64 -18.86 -11.78
C ASP B 201 35.58 -18.94 -10.59
N PRO B 202 35.26 -19.73 -9.56
CA PRO B 202 36.11 -19.74 -8.36
C PRO B 202 37.54 -20.17 -8.63
N GLU B 203 37.75 -21.05 -9.62
CA GLU B 203 39.10 -21.51 -9.94
C GLU B 203 39.99 -20.41 -10.51
N GLU B 204 39.44 -19.23 -10.78
CA GLU B 204 40.22 -18.15 -11.39
C GLU B 204 41.17 -17.50 -10.39
N SER B 205 40.71 -17.26 -9.17
CA SER B 205 41.53 -16.59 -8.16
C SER B 205 40.95 -16.88 -6.79
N ALA B 206 41.77 -16.64 -5.76
CA ALA B 206 41.29 -16.82 -4.39
C ALA B 206 40.11 -15.90 -4.12
N GLU B 207 40.13 -14.70 -4.69
CA GLU B 207 39.07 -13.74 -4.49
C GLU B 207 37.73 -14.29 -4.98
N GLU B 208 37.66 -14.66 -6.26
CA GLU B 208 36.43 -15.20 -6.81
C GLU B 208 35.99 -16.46 -6.07
N ALA B 209 36.96 -17.28 -5.64
CA ALA B 209 36.62 -18.44 -4.83
C ALA B 209 35.92 -18.02 -3.53
N ALA B 210 36.41 -16.95 -2.90
CA ALA B 210 35.74 -16.45 -1.71
C ALA B 210 34.33 -15.95 -2.04
N MET B 211 34.15 -15.36 -3.23
CA MET B 211 32.84 -14.83 -3.59
C MET B 211 31.83 -15.94 -3.78
N PHE B 212 32.23 -17.00 -4.50
CA PHE B 212 31.35 -18.16 -4.67
C PHE B 212 31.00 -18.80 -3.33
N GLU B 213 32.00 -18.97 -2.45
CA GLU B 213 31.78 -19.53 -1.12
C GLU B 213 30.73 -18.73 -0.35
N MET B 214 30.98 -17.42 -0.20
CA MET B 214 30.01 -16.55 0.46
C MET B 214 28.62 -16.69 -0.14
N GLY B 215 28.53 -16.77 -1.47
CA GLY B 215 27.25 -17.00 -2.12
C GLY B 215 26.63 -18.31 -1.69
N GLU B 216 27.45 -19.35 -1.51
CA GLU B 216 26.91 -20.63 -1.05
C GLU B 216 26.41 -20.53 0.38
N ILE B 217 27.13 -19.80 1.24
CA ILE B 217 26.74 -19.69 2.64
C ILE B 217 25.41 -18.94 2.77
N VAL B 218 25.26 -17.85 2.02
CA VAL B 218 24.09 -17.00 2.16
C VAL B 218 22.86 -17.68 1.56
N LYS B 219 23.03 -18.37 0.42
CA LYS B 219 21.91 -19.11 -0.15
C LYS B 219 21.44 -20.21 0.80
N ALA B 220 22.39 -20.91 1.42
CA ALA B 220 22.02 -22.01 2.31
C ALA B 220 21.29 -21.50 3.55
N LYS B 221 21.81 -20.44 4.16
CA LYS B 221 21.20 -19.94 5.38
C LYS B 221 19.89 -19.23 5.11
N MET B 222 19.74 -18.62 3.92
CA MET B 222 18.53 -17.88 3.61
C MET B 222 17.30 -18.76 3.48
N LYS B 223 17.47 -20.08 3.42
CA LYS B 223 16.31 -20.95 3.29
C LYS B 223 15.53 -21.03 4.60
N ASN B 224 16.23 -21.08 5.73
CA ASN B 224 15.56 -21.06 7.03
C ASN B 224 15.36 -19.65 7.56
N ILE B 225 15.51 -18.63 6.71
CA ILE B 225 15.16 -17.24 7.04
C ILE B 225 14.00 -16.86 6.16
N ASP B 226 12.78 -17.12 6.63
CA ASP B 226 11.61 -16.94 5.79
C ASP B 226 11.07 -15.53 6.01
N CYS B 227 11.73 -14.59 5.35
CA CYS B 227 11.25 -13.20 5.26
C CYS B 227 10.57 -13.02 3.90
N TRP B 228 9.28 -13.35 3.86
CA TRP B 228 8.38 -13.02 2.78
C TRP B 228 7.83 -11.61 2.98
N THR B 229 7.34 -11.02 1.89
CA THR B 229 6.90 -9.62 1.91
C THR B 229 5.65 -9.43 1.07
N ALA B 230 4.65 -8.75 1.65
CA ALA B 230 3.40 -8.48 0.95
C ALA B 230 3.63 -7.56 -0.25
N THR B 231 3.11 -7.96 -1.40
CA THR B 231 3.40 -7.30 -2.67
C THR B 231 2.15 -6.94 -3.49
N HIS B 232 0.98 -7.50 -3.17
CA HIS B 232 -0.24 -7.17 -3.87
C HIS B 232 -1.41 -7.63 -3.02
N SER B 233 -2.55 -6.95 -3.18
CA SER B 233 -3.74 -7.23 -2.39
C SER B 233 -4.96 -7.11 -3.27
N PHE B 234 -5.86 -8.08 -3.19
CA PHE B 234 -7.10 -8.02 -3.97
C PHE B 234 -8.15 -8.89 -3.30
N THR B 235 -9.38 -8.76 -3.79
CA THR B 235 -10.53 -9.48 -3.29
C THR B 235 -11.17 -10.23 -4.45
N ILE B 236 -12.03 -11.20 -4.12
CA ILE B 236 -12.73 -12.01 -5.11
C ILE B 236 -14.15 -12.20 -4.63
N PHE B 237 -15.12 -11.62 -5.34
CA PHE B 237 -16.53 -11.86 -5.03
C PHE B 237 -17.00 -13.10 -5.79
N VAL B 238 -17.58 -14.04 -5.05
CA VAL B 238 -18.06 -15.28 -5.65
C VAL B 238 -19.54 -15.41 -5.34
N PRO B 239 -20.42 -14.80 -6.11
CA PRO B 239 -21.85 -14.85 -5.79
C PRO B 239 -22.40 -16.25 -5.90
N GLU B 240 -23.43 -16.51 -5.12
CA GLU B 240 -24.15 -17.77 -5.23
C GLU B 240 -24.74 -17.91 -6.63
N SER B 241 -24.63 -19.10 -7.18
CA SER B 241 -25.11 -19.38 -8.53
C SER B 241 -26.19 -20.44 -8.48
N ASP B 242 -26.94 -20.55 -9.58
CA ASP B 242 -28.08 -21.46 -9.62
C ASP B 242 -27.65 -22.92 -9.59
N SER B 243 -26.46 -23.23 -10.08
CA SER B 243 -25.98 -24.61 -10.09
C SER B 243 -24.46 -24.63 -10.14
N GLU B 244 -23.91 -25.84 -9.95
CA GLU B 244 -22.46 -26.02 -9.82
C GLU B 244 -21.69 -25.43 -11.00
N ASP B 245 -22.27 -25.43 -12.19
CA ASP B 245 -21.55 -24.98 -13.38
C ASP B 245 -21.72 -23.49 -13.63
N THR B 246 -22.89 -22.95 -13.33
CA THR B 246 -23.15 -21.52 -13.47
C THR B 246 -22.32 -20.70 -12.49
N ARG B 247 -21.50 -21.37 -11.67
CA ARG B 247 -20.73 -20.69 -10.64
C ARG B 247 -19.52 -20.03 -11.25
N THR B 248 -19.43 -18.70 -11.10
CA THR B 248 -18.33 -17.90 -11.59
C THR B 248 -17.83 -17.01 -10.46
N LEU B 249 -16.57 -16.58 -10.56
CA LEU B 249 -15.98 -15.65 -9.60
C LEU B 249 -15.58 -14.36 -10.30
N TYR B 250 -15.49 -13.28 -9.53
CA TYR B 250 -15.17 -11.96 -10.05
C TYR B 250 -14.11 -11.30 -9.19
N PRO B 251 -12.86 -11.22 -9.66
CA PRO B 251 -11.82 -10.54 -8.88
C PRO B 251 -11.93 -9.02 -8.98
N TYR B 252 -11.69 -8.36 -7.85
CA TYR B 252 -11.66 -6.89 -7.78
C TYR B 252 -10.28 -6.47 -7.31
N GLN B 253 -9.69 -5.48 -7.97
CA GLN B 253 -8.37 -5.04 -7.54
C GLN B 253 -8.08 -3.64 -8.07
N ALA B 254 -7.15 -2.99 -7.39
CA ALA B 254 -6.30 -1.94 -7.92
C ALA B 254 -4.86 -2.43 -7.80
N TYR B 255 -3.94 -1.77 -8.51
CA TYR B 255 -2.53 -2.12 -8.42
C TYR B 255 -1.72 -0.86 -8.12
N TRP B 256 -0.92 -0.92 -7.05
CA TRP B 256 -0.13 0.22 -6.61
C TRP B 256 0.66 0.81 -7.76
N THR B 257 0.43 2.10 -8.02
CA THR B 257 1.09 2.91 -9.06
C THR B 257 0.67 2.54 -10.47
N SER B 258 -0.29 1.64 -10.65
CA SER B 258 -0.55 1.10 -11.99
C SER B 258 -1.95 1.39 -12.50
N HIS B 259 -2.99 1.12 -11.72
CA HIS B 259 -4.35 1.29 -12.21
C HIS B 259 -5.32 1.28 -11.03
N THR B 260 -6.50 1.86 -11.26
CA THR B 260 -7.54 1.95 -10.25
C THR B 260 -8.54 0.80 -10.40
N LEU B 261 -9.36 0.65 -9.37
CA LEU B 261 -10.48 -0.28 -9.46
C LEU B 261 -11.52 0.18 -10.48
N GLN B 262 -11.71 1.50 -10.60
CA GLN B 262 -12.57 2.02 -11.66
C GLN B 262 -12.06 1.62 -13.04
N GLN B 263 -10.75 1.70 -13.26
CA GLN B 263 -10.19 1.27 -14.53
C GLN B 263 -10.29 -0.24 -14.72
N TRP B 264 -10.19 -0.99 -13.62
CA TRP B 264 -10.43 -2.43 -13.65
C TRP B 264 -11.81 -2.76 -14.22
N PHE B 265 -12.83 -2.05 -13.76
CA PHE B 265 -14.19 -2.28 -14.23
C PHE B 265 -14.45 -1.66 -15.61
N SER B 266 -13.75 -0.58 -15.95
CA SER B 266 -13.94 0.02 -17.27
C SER B 266 -13.45 -0.89 -18.38
N GLY B 267 -12.43 -1.71 -18.11
CA GLY B 267 -11.89 -2.67 -19.04
C GLY B 267 -12.50 -4.05 -18.96
N ASP B 268 -13.54 -4.23 -18.14
CA ASP B 268 -14.23 -5.51 -18.00
C ASP B 268 -13.26 -6.65 -17.67
N LYS B 269 -12.24 -6.34 -16.86
CA LYS B 269 -11.23 -7.34 -16.54
C LYS B 269 -11.74 -8.35 -15.52
N ASP B 270 -12.60 -7.92 -14.59
CA ASP B 270 -13.31 -8.89 -13.75
C ASP B 270 -14.07 -9.87 -14.62
N GLU B 271 -14.84 -9.36 -15.60
CA GLU B 271 -15.58 -10.23 -16.50
C GLU B 271 -14.65 -11.09 -17.34
N LYS B 272 -13.53 -10.52 -17.81
CA LYS B 272 -12.58 -11.31 -18.57
C LYS B 272 -12.02 -12.45 -17.73
N LEU B 273 -11.52 -12.14 -16.55
CA LEU B 273 -10.98 -13.17 -15.67
C LEU B 273 -12.07 -14.12 -15.19
N SER B 274 -13.29 -13.62 -15.02
CA SER B 274 -14.40 -14.47 -14.60
C SER B 274 -14.67 -15.58 -15.61
N ARG B 275 -14.40 -15.32 -16.89
CA ARG B 275 -14.59 -16.30 -17.94
C ARG B 275 -13.61 -17.46 -17.86
N LEU B 276 -12.68 -17.44 -16.92
CA LEU B 276 -11.76 -18.56 -16.76
C LEU B 276 -12.39 -19.74 -16.04
N GLY B 277 -13.49 -19.52 -15.32
CA GLY B 277 -14.02 -20.51 -14.42
C GLY B 277 -13.32 -20.47 -13.08
N ILE B 278 -13.90 -21.16 -12.11
CA ILE B 278 -13.31 -21.21 -10.78
C ILE B 278 -12.12 -22.16 -10.75
N ASP B 279 -12.29 -23.35 -11.31
CA ASP B 279 -11.18 -24.30 -11.36
C ASP B 279 -9.97 -23.69 -12.08
N GLY B 280 -10.23 -23.03 -13.20
CA GLY B 280 -9.13 -22.45 -13.97
C GLY B 280 -8.44 -21.31 -13.26
N TYR B 281 -9.21 -20.44 -12.59
CA TYR B 281 -8.61 -19.33 -11.87
C TYR B 281 -7.75 -19.82 -10.71
N ILE B 282 -8.22 -20.85 -10.00
CA ILE B 282 -7.45 -21.37 -8.88
C ILE B 282 -6.23 -22.11 -9.40
N GLU B 283 -6.32 -22.77 -10.55
CA GLU B 283 -5.15 -23.40 -11.16
C GLU B 283 -4.04 -22.38 -11.38
N LYS B 284 -4.37 -21.26 -12.03
CA LYS B 284 -3.35 -20.26 -12.34
C LYS B 284 -2.83 -19.60 -11.07
N LEU B 285 -3.73 -19.21 -10.17
CA LEU B 285 -3.34 -18.63 -8.90
C LEU B 285 -2.39 -19.54 -8.13
N ALA B 286 -2.60 -20.86 -8.21
CA ALA B 286 -1.72 -21.80 -7.53
C ALA B 286 -0.38 -21.94 -8.24
N LEU B 287 -0.40 -22.06 -9.57
CA LEU B 287 0.84 -22.20 -10.33
C LEU B 287 1.77 -21.01 -10.11
N LEU B 288 1.19 -19.85 -9.80
CA LEU B 288 1.99 -18.68 -9.44
C LEU B 288 2.89 -18.97 -8.25
N GLY B 289 2.50 -19.90 -7.39
CA GLY B 289 3.26 -20.19 -6.20
C GLY B 289 4.08 -21.47 -6.21
N THR B 290 3.94 -22.30 -7.25
CA THR B 290 4.74 -23.51 -7.37
C THR B 290 5.77 -23.46 -8.49
N THR B 291 5.53 -22.65 -9.53
CA THR B 291 6.39 -22.67 -10.69
C THR B 291 7.78 -22.17 -10.35
N THR B 292 8.77 -22.65 -11.11
CA THR B 292 10.13 -22.17 -11.03
C THR B 292 10.58 -21.50 -12.32
N ASP B 293 9.73 -21.51 -13.36
CA ASP B 293 10.01 -20.83 -14.61
C ASP B 293 9.58 -19.37 -14.46
N SER B 294 10.54 -18.45 -14.55
CA SER B 294 10.21 -17.04 -14.39
C SER B 294 9.34 -16.52 -15.53
N LYS B 295 9.45 -17.12 -16.73
CA LYS B 295 8.59 -16.72 -17.83
C LYS B 295 7.15 -17.13 -17.58
N ILE B 296 6.94 -18.31 -16.98
CA ILE B 296 5.60 -18.71 -16.56
C ILE B 296 5.10 -17.79 -15.46
N ARG B 297 5.92 -17.58 -14.43
CA ARG B 297 5.51 -16.73 -13.31
C ARG B 297 5.16 -15.32 -13.79
N SER B 298 5.98 -14.75 -14.67
CA SER B 298 5.74 -13.40 -15.16
C SER B 298 4.49 -13.34 -16.04
N SER B 299 4.30 -14.35 -16.89
CA SER B 299 3.15 -14.34 -17.79
C SER B 299 1.83 -14.42 -17.04
N ILE B 300 1.78 -15.25 -15.99
CA ILE B 300 0.53 -15.44 -15.25
C ILE B 300 0.22 -14.22 -14.39
N TYR B 301 1.23 -13.69 -13.69
CA TYR B 301 1.07 -12.45 -12.95
C TYR B 301 0.49 -11.35 -13.83
N GLY B 302 0.92 -11.30 -15.10
CA GLY B 302 0.35 -10.33 -16.01
C GLY B 302 -1.11 -10.60 -16.27
N GLU B 303 -1.44 -11.85 -16.63
CA GLU B 303 -2.82 -12.20 -16.91
C GLU B 303 -3.73 -11.86 -15.72
N LEU B 304 -3.33 -12.24 -14.51
CA LEU B 304 -4.21 -12.09 -13.36
C LEU B 304 -4.28 -10.65 -12.89
N PHE B 305 -3.15 -9.93 -12.92
CA PHE B 305 -3.02 -8.70 -12.15
C PHE B 305 -2.64 -7.45 -12.95
N SER B 306 -2.34 -7.57 -14.24
CA SER B 306 -1.99 -6.40 -15.02
C SER B 306 -3.20 -5.48 -15.20
N PRO B 307 -2.97 -4.20 -15.50
CA PRO B 307 -4.06 -3.36 -15.94
C PRO B 307 -4.68 -3.94 -17.20
N PRO B 308 -5.99 -3.75 -17.39
CA PRO B 308 -6.64 -4.30 -18.59
C PRO B 308 -5.96 -3.85 -19.87
N GLY B 309 -5.49 -4.81 -20.66
CA GLY B 309 -4.84 -4.53 -21.93
C GLY B 309 -3.32 -4.51 -21.87
N LYS B 310 -2.72 -4.81 -20.73
CA LYS B 310 -1.27 -4.79 -20.57
C LYS B 310 -0.74 -6.15 -20.11
N GLU B 311 -1.51 -7.22 -20.30
CA GLU B 311 -1.16 -8.53 -19.79
C GLU B 311 0.19 -9.03 -20.31
N HIS B 312 0.69 -8.47 -21.42
CA HIS B 312 1.93 -8.90 -22.02
C HIS B 312 3.09 -7.92 -21.80
N VAL B 313 2.82 -6.75 -21.22
CA VAL B 313 3.85 -5.77 -20.92
C VAL B 313 4.07 -5.59 -19.43
N PHE B 314 3.20 -6.16 -18.59
CA PHE B 314 3.25 -5.90 -17.15
C PHE B 314 4.55 -6.41 -16.54
N CYS B 315 4.96 -7.63 -16.87
CA CYS B 315 6.10 -8.26 -16.21
C CYS B 315 7.12 -8.72 -17.25
N THR B 316 7.72 -7.77 -17.96
CA THR B 316 8.75 -8.06 -18.94
C THR B 316 10.02 -7.31 -18.60
N GLY B 317 11.14 -7.80 -19.12
CA GLY B 317 12.42 -7.14 -18.91
C GLY B 317 12.75 -6.96 -17.44
N MET B 318 12.85 -5.70 -17.00
CA MET B 318 13.19 -5.38 -15.59
C MET B 318 12.03 -5.75 -14.66
N ASN B 319 10.84 -6.01 -15.22
CA ASN B 319 9.67 -6.37 -14.44
C ASN B 319 9.38 -7.86 -14.45
N GLU B 320 10.30 -8.67 -14.98
CA GLU B 320 10.19 -10.11 -14.87
C GLU B 320 10.09 -10.52 -13.40
N LYS B 321 9.27 -11.54 -13.14
CA LYS B 321 9.04 -11.99 -11.77
C LYS B 321 10.04 -13.11 -11.47
N PHE B 322 11.19 -12.72 -10.93
CA PHE B 322 12.25 -13.67 -10.59
C PHE B 322 12.14 -14.23 -9.19
N SER B 323 11.48 -13.50 -8.25
CA SER B 323 11.36 -13.88 -6.85
C SER B 323 10.21 -14.86 -6.65
N PRO B 324 10.39 -15.89 -5.81
CA PRO B 324 9.30 -16.84 -5.57
C PRO B 324 8.14 -16.17 -4.86
N LEU B 325 6.92 -16.60 -5.19
CA LEU B 325 5.71 -15.98 -4.67
C LEU B 325 4.87 -17.00 -3.93
N ARG B 326 3.99 -16.50 -3.07
CA ARG B 326 3.02 -17.34 -2.38
C ARG B 326 1.71 -16.57 -2.25
N VAL B 327 0.62 -17.31 -2.08
CA VAL B 327 -0.73 -16.77 -2.04
C VAL B 327 -1.32 -17.05 -0.66
N LYS B 328 -1.82 -16.01 -0.01
CA LYS B 328 -2.57 -16.13 1.23
C LYS B 328 -4.01 -15.68 1.01
N PHE B 329 -4.96 -16.44 1.55
CA PHE B 329 -6.37 -16.15 1.33
C PHE B 329 -7.16 -16.35 2.63
N LYS B 330 -8.38 -15.82 2.62
CA LYS B 330 -9.35 -16.04 3.68
C LYS B 330 -10.74 -15.70 3.16
N VAL B 331 -11.73 -16.48 3.57
CA VAL B 331 -13.05 -16.43 2.96
C VAL B 331 -14.11 -16.21 4.04
N THR B 332 -15.06 -15.32 3.75
CA THR B 332 -16.20 -15.07 4.63
C THR B 332 -17.45 -14.89 3.77
N GLU B 333 -18.61 -15.00 4.42
CA GLU B 333 -19.89 -14.94 3.71
C GLU B 333 -20.36 -13.51 3.53
N VAL B 334 -21.15 -13.28 2.49
CA VAL B 334 -21.71 -11.96 2.18
C VAL B 334 -23.23 -12.03 2.37
N ASN B 335 -23.77 -11.01 3.05
CA ASN B 335 -25.21 -10.84 3.20
C ASN B 335 -25.69 -9.86 2.14
N PRO B 336 -26.29 -10.31 1.05
CA PRO B 336 -26.59 -9.39 -0.06
C PRO B 336 -27.46 -8.23 0.34
N GLU B 337 -28.48 -8.47 1.17
CA GLU B 337 -29.34 -7.39 1.66
C GLU B 337 -28.52 -6.33 2.39
N ILE B 338 -27.54 -6.76 3.16
CA ILE B 338 -26.68 -5.81 3.87
C ILE B 338 -25.78 -5.08 2.89
N ALA B 339 -25.16 -5.82 1.96
CA ALA B 339 -24.29 -5.20 0.98
C ALA B 339 -25.06 -4.21 0.12
N LEU B 340 -26.24 -4.61 -0.35
CA LEU B 340 -27.01 -3.74 -1.25
C LEU B 340 -27.47 -2.47 -0.54
N GLN B 341 -27.83 -2.55 0.75
CA GLN B 341 -28.21 -1.33 1.45
C GLN B 341 -26.99 -0.47 1.74
N ASN B 342 -25.85 -1.08 2.07
CA ASN B 342 -24.62 -0.31 2.18
C ASN B 342 -24.35 0.42 0.88
N LEU B 343 -24.47 -0.28 -0.24
CA LEU B 343 -24.29 0.35 -1.54
C LEU B 343 -25.34 1.43 -1.77
N GLU B 344 -26.59 1.18 -1.35
CA GLU B 344 -27.65 2.16 -1.52
C GLU B 344 -27.33 3.46 -0.80
N GLU B 345 -26.74 3.37 0.39
CA GLU B 345 -26.50 4.56 1.20
C GLU B 345 -25.39 5.42 0.61
N VAL B 346 -24.39 4.80 -0.04
CA VAL B 346 -23.41 5.59 -0.77
C VAL B 346 -24.06 6.29 -1.96
N GLN B 347 -24.92 5.55 -2.69
CA GLN B 347 -25.64 6.16 -3.80
C GLN B 347 -26.47 7.34 -3.34
N GLU B 348 -27.16 7.19 -2.20
CA GLU B 348 -27.99 8.28 -1.68
C GLU B 348 -27.16 9.50 -1.37
N PHE B 349 -25.98 9.31 -0.76
CA PHE B 349 -25.14 10.44 -0.40
C PHE B 349 -24.60 11.15 -1.65
N ILE B 350 -24.21 10.38 -2.67
CA ILE B 350 -23.74 10.98 -3.92
C ILE B 350 -24.85 11.81 -4.56
N ASP B 351 -26.08 11.28 -4.59
CA ASP B 351 -27.18 11.99 -5.22
C ASP B 351 -27.53 13.24 -4.42
N THR B 352 -27.54 13.14 -3.10
CA THR B 352 -27.98 14.25 -2.26
C THR B 352 -27.03 15.44 -2.35
N ASN B 353 -25.72 15.18 -2.33
CA ASN B 353 -24.73 16.24 -2.21
C ASN B 353 -24.07 16.62 -3.53
N TYR B 354 -24.11 15.74 -4.53
CA TYR B 354 -23.55 16.02 -5.85
C TYR B 354 -24.56 15.53 -6.90
N PRO B 355 -25.67 16.26 -7.08
CA PRO B 355 -26.69 15.81 -8.02
C PRO B 355 -26.35 16.18 -9.45
N GLY B 356 -26.88 15.41 -10.38
CA GLY B 356 -26.67 15.65 -11.79
C GLY B 356 -27.60 14.78 -12.60
N GLU B 357 -27.72 15.12 -13.89
CA GLU B 357 -28.59 14.35 -14.76
C GLU B 357 -28.01 12.97 -15.04
N ASN B 358 -26.70 12.90 -15.22
CA ASN B 358 -26.01 11.64 -15.45
C ASN B 358 -24.80 11.57 -14.53
N ALA B 359 -24.18 10.39 -14.47
CA ALA B 359 -23.11 10.17 -13.50
C ALA B 359 -21.94 11.12 -13.76
N LYS B 360 -21.62 11.37 -15.02
CA LYS B 360 -20.48 12.23 -15.33
C LYS B 360 -20.69 13.64 -14.78
N ASP B 361 -21.90 14.17 -14.94
CA ASP B 361 -22.19 15.49 -14.39
C ASP B 361 -22.11 15.52 -12.88
N GLN B 362 -22.46 14.41 -12.22
CA GLN B 362 -22.23 14.31 -10.78
C GLN B 362 -20.74 14.30 -10.47
N CYS B 363 -19.92 13.71 -11.34
CA CYS B 363 -18.48 13.65 -11.08
C CYS B 363 -17.83 15.00 -11.30
N GLU B 364 -18.27 15.74 -12.32
CA GLU B 364 -17.74 17.06 -12.60
C GLU B 364 -18.08 18.05 -11.49
N LEU B 365 -19.26 17.89 -10.86
CA LEU B 365 -19.66 18.77 -9.77
C LEU B 365 -18.81 18.51 -8.54
N TYR B 366 -18.47 17.25 -8.26
CA TYR B 366 -17.57 16.91 -7.17
C TYR B 366 -16.21 17.58 -7.36
N LYS B 367 -15.59 17.35 -8.53
CA LYS B 367 -14.26 17.88 -8.79
C LYS B 367 -14.25 19.40 -8.70
N ILE B 368 -15.31 20.05 -9.19
CA ILE B 368 -15.36 21.50 -9.14
C ILE B 368 -15.49 21.98 -7.70
N LYS B 369 -16.26 21.26 -6.89
CA LYS B 369 -16.37 21.62 -5.48
C LYS B 369 -15.03 21.45 -4.76
N ALA B 370 -14.28 20.40 -5.11
CA ALA B 370 -13.02 20.13 -4.44
C ALA B 370 -11.93 21.11 -4.88
N GLN B 371 -11.92 21.48 -6.16
CA GLN B 371 -10.96 22.47 -6.62
C GLN B 371 -11.23 23.84 -6.01
N GLU B 372 -12.51 24.16 -5.75
CA GLU B 372 -12.81 25.47 -5.18
C GLU B 372 -12.46 25.51 -3.70
N ALA B 373 -12.63 24.40 -2.99
CA ALA B 373 -12.13 24.32 -1.63
C ALA B 373 -10.61 24.48 -1.60
N MET B 374 -9.96 23.71 -2.48
CA MET B 374 -8.47 23.71 -2.62
C MET B 374 -8.00 25.14 -2.92
N THR B 375 -8.53 25.74 -4.00
CA THR B 375 -8.20 27.12 -4.35
C THR B 375 -8.34 28.03 -3.14
N LYS B 376 -9.41 27.84 -2.37
CA LYS B 376 -9.63 28.67 -1.18
C LYS B 376 -8.59 28.41 -0.10
N GLN B 377 -8.35 27.14 0.21
CA GLN B 377 -7.42 26.83 1.29
C GLN B 377 -6.02 27.29 0.94
N LEU B 378 -5.61 27.14 -0.32
CA LEU B 378 -4.30 27.59 -0.75
C LEU B 378 -4.17 29.11 -0.66
N GLU B 379 -5.27 29.85 -0.87
CA GLU B 379 -5.19 31.30 -0.76
C GLU B 379 -5.08 31.76 0.69
N MET B 380 -5.63 30.94 1.60
CA MET B 380 -5.58 31.23 3.05
C MET B 380 -4.13 31.09 3.56
N ARG B 381 -3.37 30.15 2.99
CA ARG B 381 -1.98 29.91 3.39
C ARG B 381 -1.02 30.85 2.70
N LEU B 382 -1.38 31.34 1.52
CA LEU B 382 -0.57 32.29 0.77
C LEU B 382 -1.24 33.67 0.72
N LEU B 383 -1.95 34.04 1.77
CA LEU B 383 -2.62 35.34 1.87
C LEU B 383 -1.60 36.46 1.97
#